data_7AEL
#
_entry.id   7AEL
#
_cell.length_a   113.954
_cell.length_b   39.592
_cell.length_c   90.517
_cell.angle_alpha   90.000
_cell.angle_beta   104.961
_cell.angle_gamma   90.000
#
_symmetry.space_group_name_H-M   'C 1 2 1'
#
loop_
_entity.id
_entity.type
_entity.pdbx_description
1 polymer Alpha-1-antitrypsin
2 non-polymer ~{N}-[(1~{S},2~{R})-1-(3-fluoranyl-2-methyl-phenyl)-1-oxidanyl-pentan-2-yl]-2-oxidanylidene-1,3-dihydroindole-4-carboxamide
3 non-polymer 'SULFATE ION'
4 water water
#
_entity_poly.entity_id   1
_entity_poly.type   'polypeptide(L)'
_entity_poly.pdbx_seq_one_letter_code
;MRGSHHHHHHTDPQGDAAQKTDTSHHDQDHPTFNKITPNLAEFAFSLYRQLAHQSNSTNIFFSPVSIATAFAMLSLGTKA
DTHDEILEGLNFNLTEIPEAQIHEGFQELLRTLNQPDSQLQLTTGNGLFLSEGLKLVDKFLEDVKKLYHSEAFTVNFGDT
EEAKKQINDYVEKGTQGKIVDLVKELDRDTVFALVNYIFFKGKWERPFEVKDTEEEDFHVDQVTTVKVPMMKRLGMFNIQ
HSKKLSSWVLLMKYLGNATAIFFLPDEGKLQHLENELTHDIITKFLENEDRRSASLHLPKLSITGTYDLKSVLGQLGITK
VFSNGADLSGVTEEAPLKLSKAVHKAVLTIDEKGTEAAGAMFLEAIPMSIPPEVKFNKPFVFLMIEQNTKSPLFMGKVVN
PTQK
;
_entity_poly.pdbx_strand_id   AAA
#
# COMPACT_ATOMS: atom_id res chain seq x y z
N THR A 32 -14.38 -3.20 -16.40
CA THR A 32 -15.14 -3.31 -15.10
C THR A 32 -14.15 -3.24 -13.93
N PHE A 33 -13.63 -4.39 -13.50
CA PHE A 33 -12.68 -4.54 -12.36
C PHE A 33 -11.99 -5.91 -12.45
N ASN A 34 -10.74 -5.95 -11.97
CA ASN A 34 -9.92 -7.19 -11.88
C ASN A 34 -10.65 -8.19 -10.96
N LYS A 35 -10.66 -9.46 -11.33
CA LYS A 35 -11.26 -10.60 -10.56
C LYS A 35 -10.89 -10.52 -9.07
N ILE A 36 -9.63 -10.18 -8.76
CA ILE A 36 -9.07 -10.24 -7.38
C ILE A 36 -9.23 -8.91 -6.64
N THR A 37 -9.80 -7.87 -7.27
CA THR A 37 -10.00 -6.54 -6.61
C THR A 37 -10.80 -6.69 -5.32
N PRO A 38 -11.92 -7.46 -5.28
CA PRO A 38 -12.66 -7.62 -4.04
C PRO A 38 -11.81 -8.22 -2.90
N ASN A 39 -10.93 -9.15 -3.24
CA ASN A 39 -10.00 -9.79 -2.26
C ASN A 39 -8.99 -8.75 -1.76
N LEU A 40 -8.41 -7.98 -2.67
CA LEU A 40 -7.43 -6.91 -2.32
C LEU A 40 -8.11 -5.86 -1.42
N ALA A 41 -9.38 -5.53 -1.68
CA ALA A 41 -10.17 -4.59 -0.84
C ALA A 41 -10.32 -5.15 0.57
N GLU A 42 -10.69 -6.42 0.72
CA GLU A 42 -10.86 -7.06 2.05
C GLU A 42 -9.51 -7.11 2.77
N PHE A 43 -8.43 -7.39 2.05
CA PHE A 43 -7.06 -7.41 2.60
C PHE A 43 -6.69 -6.00 3.11
N ALA A 44 -6.99 -4.98 2.31
CA ALA A 44 -6.75 -3.56 2.68
C ALA A 44 -7.43 -3.27 4.03
N PHE A 45 -8.72 -3.62 4.16
CA PHE A 45 -9.49 -3.34 5.40
C PHE A 45 -8.94 -4.15 6.57
N SER A 46 -8.60 -5.43 6.35
CA SER A 46 -8.04 -6.34 7.39
C SER A 46 -6.77 -5.72 7.96
N LEU A 47 -5.85 -5.34 7.07
CA LEU A 47 -4.53 -4.81 7.49
C LEU A 47 -4.71 -3.40 8.10
N TYR A 48 -5.52 -2.55 7.48
CA TYR A 48 -5.80 -1.19 8.03
C TYR A 48 -6.32 -1.30 9.47
N ARG A 49 -7.35 -2.11 9.69
CA ARG A 49 -8.04 -2.19 11.00
C ARG A 49 -7.11 -2.81 12.06
N GLN A 50 -6.23 -3.72 11.66
CA GLN A 50 -5.20 -4.28 12.57
C GLN A 50 -4.33 -3.12 13.06
N LEU A 51 -3.77 -2.33 12.13
CA LEU A 51 -2.84 -1.22 12.45
C LEU A 51 -3.56 -0.14 13.27
N ALA A 52 -4.80 0.20 12.92
CA ALA A 52 -5.58 1.25 13.60
C ALA A 52 -5.95 0.81 15.04
N HIS A 53 -6.20 -0.49 15.26
CA HIS A 53 -6.56 -1.05 16.59
C HIS A 53 -5.34 -1.06 17.52
N GLN A 54 -4.14 -1.33 16.98
CA GLN A 54 -2.85 -1.34 17.72
C GLN A 54 -2.66 0.02 18.40
N SER A 55 -2.70 1.10 17.62
CA SER A 55 -2.53 2.51 18.06
C SER A 55 -3.48 3.42 17.27
N ASN A 56 -4.24 4.28 17.96
CA ASN A 56 -5.23 5.21 17.34
C ASN A 56 -4.62 6.61 17.22
N SER A 57 -3.33 6.78 17.57
CA SER A 57 -2.62 8.08 17.51
C SER A 57 -1.57 8.06 16.39
N THR A 58 -1.50 6.98 15.60
CA THR A 58 -0.39 6.74 14.64
C THR A 58 -0.88 6.93 13.20
N ASN A 59 -0.04 7.54 12.36
CA ASN A 59 -0.21 7.57 10.89
C ASN A 59 -0.27 6.12 10.39
N ILE A 60 -1.02 5.88 9.33
CA ILE A 60 -1.08 4.58 8.61
C ILE A 60 -0.85 4.89 7.13
N PHE A 61 0.08 4.19 6.49
CA PHE A 61 0.29 4.28 5.03
C PHE A 61 0.94 3.02 4.49
N PHE A 62 0.19 2.22 3.74
CA PHE A 62 0.67 0.97 3.12
C PHE A 62 -0.03 0.72 1.78
N SER A 63 0.54 -0.17 0.98
CA SER A 63 -0.01 -0.59 -0.32
C SER A 63 -0.58 -1.99 -0.18
N PRO A 64 -1.92 -2.14 -0.16
CA PRO A 64 -2.53 -3.48 -0.22
C PRO A 64 -2.05 -4.24 -1.46
N VAL A 65 -2.04 -3.55 -2.61
CA VAL A 65 -1.62 -4.12 -3.91
C VAL A 65 -0.18 -4.64 -3.82
N SER A 66 0.78 -3.85 -3.35
CA SER A 66 2.21 -4.23 -3.43
C SER A 66 2.52 -5.35 -2.42
N ILE A 67 1.96 -5.30 -1.21
CA ILE A 67 2.15 -6.37 -0.19
C ILE A 67 1.53 -7.66 -0.71
N ALA A 68 0.30 -7.62 -1.23
CA ALA A 68 -0.41 -8.86 -1.67
C ALA A 68 0.33 -9.45 -2.86
N THR A 69 0.84 -8.61 -3.77
CA THR A 69 1.60 -9.05 -4.97
C THR A 69 2.86 -9.80 -4.51
N ALA A 70 3.60 -9.23 -3.55
CA ALA A 70 4.86 -9.82 -3.05
C ALA A 70 4.59 -11.20 -2.45
N PHE A 71 3.51 -11.33 -1.66
CA PHE A 71 3.21 -12.59 -0.92
C PHE A 71 2.54 -13.62 -1.83
N ALA A 72 1.77 -13.18 -2.84
CA ALA A 72 1.24 -14.08 -3.89
C ALA A 72 2.44 -14.69 -4.64
N MET A 73 3.41 -13.85 -4.99
N MET A 73 3.41 -13.85 -4.99
CA MET A 73 4.67 -14.24 -5.69
CA MET A 73 4.65 -14.27 -5.69
C MET A 73 5.43 -15.25 -4.83
C MET A 73 5.41 -15.28 -4.82
N LEU A 74 5.60 -14.95 -3.53
CA LEU A 74 6.31 -15.84 -2.56
C LEU A 74 5.61 -17.20 -2.49
N SER A 75 4.27 -17.22 -2.54
CA SER A 75 3.46 -18.46 -2.42
C SER A 75 3.83 -19.47 -3.51
N LEU A 76 4.38 -19.02 -4.66
CA LEU A 76 4.79 -19.92 -5.76
C LEU A 76 5.88 -20.89 -5.31
N GLY A 77 6.69 -20.50 -4.31
CA GLY A 77 7.80 -21.32 -3.79
C GLY A 77 7.42 -22.10 -2.54
N THR A 78 6.13 -22.09 -2.14
CA THR A 78 5.63 -22.74 -0.91
C THR A 78 4.64 -23.86 -1.28
N LYS A 79 4.29 -24.69 -0.30
CA LYS A 79 3.37 -25.85 -0.48
C LYS A 79 2.53 -26.03 0.79
N ALA A 80 1.38 -26.70 0.65
CA ALA A 80 0.55 -27.23 1.75
C ALA A 80 0.10 -26.08 2.67
N ASP A 81 0.20 -26.25 3.99
CA ASP A 81 -0.31 -25.27 4.98
C ASP A 81 0.48 -23.95 4.85
N THR A 82 1.79 -24.01 4.61
CA THR A 82 2.60 -22.77 4.43
C THR A 82 2.00 -21.94 3.30
N HIS A 83 1.72 -22.58 2.17
CA HIS A 83 1.13 -21.97 0.96
C HIS A 83 -0.29 -21.46 1.24
N ASP A 84 -1.14 -22.29 1.85
CA ASP A 84 -2.58 -21.94 2.01
C ASP A 84 -2.73 -20.77 2.99
N GLU A 85 -1.93 -20.75 4.05
CA GLU A 85 -1.91 -19.67 5.07
C GLU A 85 -1.65 -18.32 4.41
N ILE A 86 -0.70 -18.26 3.46
CA ILE A 86 -0.34 -16.99 2.78
C ILE A 86 -1.56 -16.49 2.00
N LEU A 87 -2.13 -17.31 1.12
CA LEU A 87 -3.23 -16.85 0.23
C LEU A 87 -4.49 -16.56 1.05
N GLU A 88 -4.78 -17.36 2.09
CA GLU A 88 -5.94 -17.11 2.99
C GLU A 88 -5.71 -15.81 3.77
N GLY A 89 -4.46 -15.53 4.16
CA GLY A 89 -4.09 -14.30 4.88
C GLY A 89 -4.23 -13.06 4.01
N LEU A 90 -4.24 -13.24 2.68
CA LEU A 90 -4.51 -12.16 1.68
C LEU A 90 -6.01 -12.14 1.34
N ASN A 91 -6.84 -12.87 2.08
CA ASN A 91 -8.32 -12.82 1.94
C ASN A 91 -8.78 -13.52 0.66
N PHE A 92 -8.05 -14.56 0.22
CA PHE A 92 -8.53 -15.47 -0.85
C PHE A 92 -9.08 -16.73 -0.18
N ASN A 93 -10.35 -17.05 -0.47
CA ASN A 93 -11.00 -18.28 0.03
C ASN A 93 -10.72 -19.39 -0.97
N LEU A 94 -9.75 -20.25 -0.65
CA LEU A 94 -9.24 -21.28 -1.61
C LEU A 94 -10.27 -22.38 -1.86
N THR A 95 -11.39 -22.41 -1.11
CA THR A 95 -12.54 -23.31 -1.40
C THR A 95 -13.38 -22.71 -2.53
N GLU A 96 -13.20 -21.43 -2.88
CA GLU A 96 -14.08 -20.72 -3.83
C GLU A 96 -13.33 -20.28 -5.08
N ILE A 97 -12.12 -19.72 -4.95
CA ILE A 97 -11.35 -19.16 -6.10
C ILE A 97 -10.19 -20.10 -6.43
N PRO A 98 -10.13 -20.61 -7.69
CA PRO A 98 -8.99 -21.41 -8.16
C PRO A 98 -7.67 -20.62 -8.11
N GLU A 99 -6.58 -21.31 -7.74
CA GLU A 99 -5.24 -20.68 -7.60
C GLU A 99 -4.82 -20.05 -8.92
N ALA A 100 -5.18 -20.63 -10.08
CA ALA A 100 -4.82 -20.09 -11.42
C ALA A 100 -5.41 -18.67 -11.59
N GLN A 101 -6.67 -18.47 -11.18
CA GLN A 101 -7.38 -17.15 -11.31
C GLN A 101 -6.72 -16.11 -10.40
N ILE A 102 -6.18 -16.51 -9.26
CA ILE A 102 -5.42 -15.61 -8.34
C ILE A 102 -4.18 -15.08 -9.05
N HIS A 103 -3.32 -15.97 -9.56
CA HIS A 103 -2.05 -15.60 -10.20
C HIS A 103 -2.32 -14.81 -11.49
N GLU A 104 -3.35 -15.20 -12.26
CA GLU A 104 -3.78 -14.48 -13.49
C GLU A 104 -4.22 -13.05 -13.13
N GLY A 105 -4.99 -12.91 -12.04
CA GLY A 105 -5.40 -11.59 -11.50
C GLY A 105 -4.20 -10.69 -11.25
N PHE A 106 -3.18 -11.19 -10.54
CA PHE A 106 -1.96 -10.41 -10.19
C PHE A 106 -1.20 -10.04 -11.46
N GLN A 107 -1.05 -11.00 -12.39
CA GLN A 107 -0.30 -10.80 -13.65
C GLN A 107 -0.93 -9.65 -14.45
N GLU A 108 -2.27 -9.67 -14.57
CA GLU A 108 -3.07 -8.61 -15.25
C GLU A 108 -2.88 -7.27 -14.52
N LEU A 109 -2.97 -7.27 -13.19
CA LEU A 109 -2.80 -6.06 -12.36
C LEU A 109 -1.40 -5.50 -12.62
N LEU A 110 -0.36 -6.35 -12.61
CA LEU A 110 1.03 -5.90 -12.84
C LEU A 110 1.17 -5.36 -14.27
N ARG A 111 0.54 -6.01 -15.24
CA ARG A 111 0.52 -5.56 -16.67
C ARG A 111 0.02 -4.10 -16.73
N THR A 112 -1.09 -3.81 -16.05
CA THR A 112 -1.70 -2.45 -16.00
C THR A 112 -0.74 -1.48 -15.32
N LEU A 113 -0.17 -1.86 -14.17
CA LEU A 113 0.69 -0.96 -13.36
C LEU A 113 2.01 -0.67 -14.11
N ASN A 114 2.43 -1.56 -15.02
CA ASN A 114 3.72 -1.46 -15.75
C ASN A 114 3.55 -0.72 -17.09
N GLN A 115 2.36 -0.17 -17.40
CA GLN A 115 2.15 0.66 -18.62
C GLN A 115 2.93 1.96 -18.48
N PRO A 116 3.46 2.55 -19.59
CA PRO A 116 4.30 3.74 -19.51
C PRO A 116 3.71 4.91 -18.70
N ASP A 117 2.45 5.28 -18.95
CA ASP A 117 1.74 6.38 -18.23
C ASP A 117 1.77 6.12 -16.73
N SER A 118 1.52 4.88 -16.29
CA SER A 118 1.60 4.47 -14.87
C SER A 118 3.06 4.58 -14.38
N GLN A 119 4.02 4.06 -15.16
CA GLN A 119 5.45 3.98 -14.77
C GLN A 119 6.03 5.39 -14.55
N LEU A 120 5.49 6.43 -15.23
CA LEU A 120 5.94 7.83 -15.05
C LEU A 120 5.66 8.29 -13.61
N GLN A 121 4.61 7.76 -12.97
CA GLN A 121 4.25 8.18 -11.60
C GLN A 121 4.59 7.07 -10.59
N LEU A 122 4.56 5.80 -11.00
CA LEU A 122 4.56 4.65 -10.06
C LEU A 122 5.78 3.76 -10.28
N THR A 123 6.56 3.56 -9.22
CA THR A 123 7.65 2.55 -9.17
C THR A 123 7.32 1.53 -8.08
N THR A 124 7.36 0.24 -8.42
CA THR A 124 7.18 -0.84 -7.44
C THR A 124 8.28 -1.88 -7.67
N GLY A 125 8.70 -2.56 -6.62
CA GLY A 125 9.72 -3.62 -6.73
C GLY A 125 9.60 -4.63 -5.62
N ASN A 126 10.00 -5.86 -5.91
CA ASN A 126 10.15 -6.96 -4.93
C ASN A 126 11.56 -7.52 -5.09
N GLY A 127 12.37 -7.41 -4.05
CA GLY A 127 13.69 -8.05 -3.97
C GLY A 127 13.64 -9.29 -3.10
N LEU A 128 13.98 -10.46 -3.66
CA LEU A 128 14.22 -11.71 -2.90
C LEU A 128 15.73 -11.88 -2.73
N PHE A 129 16.19 -12.04 -1.51
CA PHE A 129 17.64 -12.17 -1.17
C PHE A 129 17.84 -13.51 -0.46
N LEU A 130 18.54 -14.42 -1.13
CA LEU A 130 18.67 -15.83 -0.73
C LEU A 130 20.16 -16.11 -0.49
N SER A 131 20.47 -16.89 0.54
CA SER A 131 21.84 -17.32 0.89
C SER A 131 22.49 -17.97 -0.34
N GLU A 132 23.71 -17.54 -0.72
CA GLU A 132 24.38 -18.02 -1.95
C GLU A 132 24.81 -19.49 -1.82
N GLY A 133 24.79 -20.06 -0.61
CA GLY A 133 25.03 -21.50 -0.37
C GLY A 133 23.86 -22.41 -0.73
N LEU A 134 22.71 -21.86 -1.15
CA LEU A 134 21.48 -22.66 -1.42
C LEU A 134 21.42 -23.07 -2.89
N LYS A 135 20.99 -24.32 -3.14
CA LYS A 135 20.63 -24.83 -4.49
C LYS A 135 19.18 -24.42 -4.76
N LEU A 136 18.98 -23.44 -5.63
CA LEU A 136 17.65 -22.85 -5.91
C LEU A 136 16.97 -23.62 -7.05
N VAL A 137 15.64 -23.76 -6.95
CA VAL A 137 14.77 -24.38 -7.98
C VAL A 137 14.60 -23.37 -9.12
N ASP A 138 15.01 -23.73 -10.34
CA ASP A 138 14.99 -22.82 -11.52
C ASP A 138 13.54 -22.35 -11.78
N LYS A 139 12.56 -23.24 -11.65
CA LYS A 139 11.11 -22.97 -11.90
C LYS A 139 10.66 -21.74 -11.11
N PHE A 140 11.04 -21.65 -9.84
CA PHE A 140 10.68 -20.51 -8.94
C PHE A 140 11.28 -19.22 -9.50
N LEU A 141 12.57 -19.23 -9.84
CA LEU A 141 13.31 -18.04 -10.34
C LEU A 141 12.69 -17.59 -11.67
N GLU A 142 12.26 -18.54 -12.50
CA GLU A 142 11.55 -18.27 -13.78
C GLU A 142 10.21 -17.59 -13.49
N ASP A 143 9.36 -18.21 -12.66
CA ASP A 143 7.98 -17.75 -12.36
C ASP A 143 8.03 -16.34 -11.76
N VAL A 144 8.89 -16.13 -10.77
CA VAL A 144 9.10 -14.83 -10.06
C VAL A 144 9.44 -13.74 -11.10
N LYS A 145 10.41 -13.99 -11.97
CA LYS A 145 10.93 -12.98 -12.93
C LYS A 145 9.91 -12.81 -14.07
N LYS A 146 9.39 -13.91 -14.61
CA LYS A 146 8.44 -13.93 -15.75
C LYS A 146 7.10 -13.33 -15.32
N LEU A 147 6.41 -13.98 -14.36
CA LEU A 147 4.98 -13.72 -14.01
C LEU A 147 4.86 -12.47 -13.14
N TYR A 148 5.84 -12.19 -12.26
CA TYR A 148 5.72 -11.16 -11.20
C TYR A 148 6.76 -10.04 -11.40
N HIS A 149 7.56 -10.11 -12.48
CA HIS A 149 8.57 -9.08 -12.85
C HIS A 149 9.39 -8.70 -11.62
N SER A 150 9.72 -9.68 -10.78
CA SER A 150 10.46 -9.49 -9.51
C SER A 150 11.90 -9.97 -9.70
N GLU A 151 12.80 -9.55 -8.81
CA GLU A 151 14.25 -9.86 -8.86
C GLU A 151 14.62 -10.74 -7.67
N ALA A 152 15.34 -11.83 -7.94
CA ALA A 152 15.94 -12.71 -6.92
C ALA A 152 17.45 -12.56 -7.00
N PHE A 153 18.11 -12.40 -5.85
CA PHE A 153 19.58 -12.24 -5.72
C PHE A 153 20.09 -13.25 -4.70
N THR A 154 21.31 -13.74 -4.93
CA THR A 154 22.08 -14.51 -3.92
C THR A 154 22.95 -13.51 -3.17
N VAL A 155 23.02 -13.63 -1.86
CA VAL A 155 23.81 -12.71 -1.00
C VAL A 155 24.53 -13.56 0.05
N ASN A 156 25.63 -13.04 0.58
CA ASN A 156 26.39 -13.71 1.67
C ASN A 156 25.87 -13.19 3.02
N PHE A 157 24.97 -13.94 3.66
CA PHE A 157 24.40 -13.61 4.98
C PHE A 157 25.42 -13.93 6.09
N GLY A 158 26.54 -14.57 5.74
CA GLY A 158 27.71 -14.70 6.63
C GLY A 158 28.23 -13.34 7.07
N ASP A 159 28.06 -12.32 6.23
CA ASP A 159 28.41 -10.91 6.55
C ASP A 159 27.12 -10.09 6.65
N THR A 160 26.55 -10.01 7.85
CA THR A 160 25.21 -9.42 8.12
C THR A 160 25.20 -7.95 7.66
N GLU A 161 26.25 -7.20 7.99
CA GLU A 161 26.36 -5.74 7.71
C GLU A 161 26.43 -5.51 6.20
N GLU A 162 27.18 -6.32 5.46
CA GLU A 162 27.31 -6.18 3.99
C GLU A 162 25.99 -6.62 3.32
N ALA A 163 25.34 -7.67 3.83
CA ALA A 163 24.05 -8.16 3.25
C ALA A 163 23.01 -7.05 3.37
N LYS A 164 22.89 -6.44 4.56
CA LYS A 164 21.97 -5.29 4.85
C LYS A 164 22.27 -4.14 3.89
N LYS A 165 23.56 -3.83 3.68
CA LYS A 165 23.98 -2.76 2.74
C LYS A 165 23.57 -3.13 1.30
N GLN A 166 23.69 -4.40 0.91
CA GLN A 166 23.39 -4.86 -0.48
C GLN A 166 21.88 -4.75 -0.72
N ILE A 167 21.07 -5.18 0.25
CA ILE A 167 19.58 -5.08 0.19
C ILE A 167 19.19 -3.60 0.03
N ASN A 168 19.72 -2.73 0.91
CA ASN A 168 19.37 -1.29 0.94
C ASN A 168 19.86 -0.59 -0.34
N ASP A 169 21.03 -0.94 -0.87
CA ASP A 169 21.57 -0.41 -2.14
C ASP A 169 20.62 -0.76 -3.29
N TYR A 170 20.08 -1.98 -3.32
CA TYR A 170 19.13 -2.45 -4.36
C TYR A 170 17.87 -1.59 -4.34
N VAL A 171 17.31 -1.34 -3.15
CA VAL A 171 16.08 -0.52 -2.96
C VAL A 171 16.39 0.94 -3.31
N GLU A 172 17.51 1.46 -2.81
CA GLU A 172 17.92 2.87 -3.06
C GLU A 172 18.08 3.09 -4.57
N LYS A 173 18.73 2.15 -5.27
CA LYS A 173 18.94 2.23 -6.73
C LYS A 173 17.61 2.10 -7.47
N GLY A 174 16.71 1.23 -7.00
CA GLY A 174 15.37 1.03 -7.58
C GLY A 174 14.51 2.29 -7.49
N THR A 175 14.74 3.14 -6.48
CA THR A 175 13.92 4.35 -6.20
C THR A 175 14.74 5.64 -6.42
N GLN A 176 15.85 5.56 -7.16
CA GLN A 176 16.77 6.69 -7.47
C GLN A 176 17.00 7.55 -6.21
N GLY A 177 17.32 6.89 -5.09
CA GLY A 177 17.75 7.56 -3.84
C GLY A 177 16.60 7.89 -2.90
N LYS A 178 15.36 7.64 -3.31
CA LYS A 178 14.18 8.05 -2.48
C LYS A 178 14.12 7.21 -1.20
N ILE A 179 14.31 5.89 -1.29
CA ILE A 179 14.25 4.97 -0.11
C ILE A 179 15.67 4.58 0.31
N VAL A 180 16.07 5.03 1.51
CA VAL A 180 17.45 4.91 2.08
C VAL A 180 17.40 4.05 3.34
N ASP A 181 18.39 3.15 3.51
CA ASP A 181 18.60 2.33 4.74
C ASP A 181 17.28 1.68 5.17
N LEU A 182 16.54 1.07 4.23
CA LEU A 182 15.21 0.46 4.48
C LEU A 182 15.31 -0.58 5.60
N VAL A 183 16.24 -1.53 5.49
CA VAL A 183 16.46 -2.62 6.49
C VAL A 183 17.50 -2.14 7.51
N LYS A 184 17.11 -2.02 8.77
CA LYS A 184 17.98 -1.48 9.86
C LYS A 184 18.67 -2.64 10.59
N GLU A 185 18.05 -3.83 10.62
CA GLU A 185 18.53 -5.00 11.40
C GLU A 185 18.26 -6.28 10.61
N LEU A 186 19.24 -7.19 10.61
CA LEU A 186 19.10 -8.60 10.16
C LEU A 186 19.48 -9.51 11.33
N ASP A 187 18.66 -10.54 11.60
CA ASP A 187 19.00 -11.64 12.52
C ASP A 187 20.27 -12.32 11.98
N ARG A 188 21.13 -12.83 12.87
CA ARG A 188 22.44 -13.43 12.50
C ARG A 188 22.22 -14.71 11.68
N ASP A 189 21.10 -15.40 11.90
CA ASP A 189 20.72 -16.68 11.22
C ASP A 189 19.85 -16.42 9.97
N THR A 190 19.82 -15.20 9.46
CA THR A 190 19.07 -14.86 8.22
C THR A 190 19.62 -15.67 7.04
N VAL A 191 18.74 -16.32 6.29
CA VAL A 191 19.07 -17.06 5.03
C VAL A 191 18.20 -16.56 3.88
N PHE A 192 17.14 -15.80 4.18
CA PHE A 192 16.11 -15.40 3.19
C PHE A 192 15.44 -14.11 3.66
N ALA A 193 15.54 -13.04 2.87
CA ALA A 193 14.89 -11.73 3.12
C ALA A 193 14.08 -11.31 1.90
N LEU A 194 12.94 -10.68 2.14
CA LEU A 194 12.04 -10.15 1.09
C LEU A 194 11.85 -8.66 1.38
N VAL A 195 12.06 -7.81 0.40
CA VAL A 195 11.80 -6.36 0.53
C VAL A 195 10.79 -5.99 -0.55
N ASN A 196 9.74 -5.30 -0.13
CA ASN A 196 8.66 -4.83 -1.01
C ASN A 196 8.59 -3.32 -0.89
N TYR A 197 8.71 -2.60 -2.00
CA TYR A 197 8.64 -1.12 -1.97
C TYR A 197 7.73 -0.64 -3.09
N ILE A 198 7.12 0.51 -2.83
CA ILE A 198 6.25 1.22 -3.80
C ILE A 198 6.47 2.73 -3.58
N PHE A 199 6.66 3.45 -4.68
CA PHE A 199 6.95 4.90 -4.72
C PHE A 199 5.99 5.52 -5.73
N PHE A 200 5.15 6.45 -5.27
CA PHE A 200 4.14 7.14 -6.11
C PHE A 200 4.41 8.65 -6.09
N LYS A 201 4.61 9.21 -7.28
CA LYS A 201 4.73 10.68 -7.46
C LYS A 201 3.32 11.21 -7.74
N GLY A 202 2.73 11.90 -6.75
CA GLY A 202 1.36 12.42 -6.83
C GLY A 202 1.33 13.78 -7.51
N LYS A 203 0.53 13.90 -8.57
CA LYS A 203 0.27 15.19 -9.25
C LYS A 203 -1.16 15.17 -9.78
N TRP A 204 -1.96 16.16 -9.40
CA TRP A 204 -3.35 16.30 -9.91
C TRP A 204 -3.32 16.23 -11.45
N GLU A 205 -4.24 15.44 -11.99
CA GLU A 205 -4.49 15.26 -13.44
C GLU A 205 -5.00 16.57 -14.03
N ARG A 206 -5.89 17.27 -13.32
CA ARG A 206 -6.63 18.44 -13.88
C ARG A 206 -5.87 19.73 -13.56
N PRO A 207 -5.47 20.53 -14.57
CA PRO A 207 -4.88 21.85 -14.31
C PRO A 207 -5.92 22.83 -13.75
N PHE A 208 -5.46 23.90 -13.08
CA PHE A 208 -6.32 24.91 -12.41
C PHE A 208 -5.54 26.21 -12.22
N GLU A 209 -6.19 27.19 -11.59
CA GLU A 209 -5.59 28.52 -11.26
C GLU A 209 -4.67 28.34 -10.04
N VAL A 210 -3.40 27.99 -10.29
CA VAL A 210 -2.40 27.60 -9.23
C VAL A 210 -1.97 28.85 -8.46
N LYS A 211 -2.24 28.89 -7.16
CA LYS A 211 -1.69 29.89 -6.21
C LYS A 211 -0.54 29.23 -5.44
N ASP A 212 0.19 30.03 -4.67
CA ASP A 212 1.17 29.55 -3.66
C ASP A 212 0.39 28.85 -2.55
N THR A 213 1.00 27.86 -1.91
CA THR A 213 0.47 27.30 -0.64
C THR A 213 0.57 28.40 0.41
N GLU A 214 -0.26 28.34 1.44
CA GLU A 214 -0.12 29.18 2.66
C GLU A 214 -0.08 28.23 3.86
N GLU A 215 0.85 28.49 4.79
CA GLU A 215 0.99 27.71 6.05
C GLU A 215 -0.28 27.89 6.88
N GLU A 216 -0.91 26.78 7.24
CA GLU A 216 -2.20 26.75 7.96
C GLU A 216 -2.09 25.71 9.08
N ASP A 217 -2.90 25.88 10.13
CA ASP A 217 -2.93 24.98 11.30
C ASP A 217 -3.58 23.64 10.92
N PHE A 218 -2.92 22.55 11.32
CA PHE A 218 -3.46 21.16 11.24
C PHE A 218 -3.66 20.67 12.68
N HIS A 219 -4.92 20.43 13.06
CA HIS A 219 -5.33 20.02 14.42
C HIS A 219 -5.15 18.50 14.57
N VAL A 220 -4.00 18.08 15.11
CA VAL A 220 -3.64 16.65 15.30
C VAL A 220 -4.53 16.06 16.39
N ASP A 221 -4.66 16.78 17.50
CA ASP A 221 -5.63 16.49 18.59
C ASP A 221 -5.93 17.80 19.32
N GLN A 222 -6.64 17.71 20.45
CA GLN A 222 -7.12 18.88 21.24
C GLN A 222 -5.96 19.82 21.57
N VAL A 223 -4.75 19.30 21.82
CA VAL A 223 -3.61 20.13 22.33
C VAL A 223 -2.43 20.11 21.37
N THR A 224 -2.55 19.47 20.20
CA THR A 224 -1.41 19.35 19.25
C THR A 224 -1.80 20.00 17.92
N THR A 225 -1.09 21.04 17.52
CA THR A 225 -1.25 21.75 16.23
C THR A 225 0.10 21.80 15.52
N VAL A 226 0.15 21.48 14.23
CA VAL A 226 1.35 21.63 13.36
C VAL A 226 0.96 22.43 12.13
N LYS A 227 1.91 23.19 11.59
CA LYS A 227 1.74 23.97 10.33
C LYS A 227 1.91 23.01 9.15
N VAL A 228 1.03 23.13 8.17
CA VAL A 228 1.13 22.39 6.88
C VAL A 228 0.98 23.40 5.74
N PRO A 229 1.64 23.17 4.59
CA PRO A 229 1.35 23.93 3.38
C PRO A 229 -0.03 23.54 2.84
N MET A 230 -0.92 24.53 2.71
CA MET A 230 -2.35 24.39 2.34
C MET A 230 -2.56 25.06 0.98
N MET A 231 -3.12 24.31 0.02
CA MET A 231 -3.58 24.85 -1.29
C MET A 231 -5.07 25.18 -1.13
N LYS A 232 -5.46 26.43 -1.39
CA LYS A 232 -6.89 26.86 -1.31
C LYS A 232 -7.47 26.88 -2.72
N ARG A 233 -8.58 26.16 -2.95
CA ARG A 233 -9.20 26.04 -4.29
C ARG A 233 -10.70 26.28 -4.21
N LEU A 234 -11.25 27.02 -5.17
CA LEU A 234 -12.71 27.18 -5.35
C LEU A 234 -13.06 26.65 -6.73
N GLY A 235 -13.89 25.61 -6.78
CA GLY A 235 -14.24 24.98 -8.06
C GLY A 235 -15.33 23.95 -7.89
N MET A 236 -15.58 23.21 -8.97
CA MET A 236 -16.56 22.10 -9.03
C MET A 236 -15.80 20.81 -8.70
N PHE A 237 -16.07 20.24 -7.53
CA PHE A 237 -15.37 19.05 -7.00
C PHE A 237 -16.35 17.90 -6.83
N ASN A 238 -15.81 16.70 -6.98
CA ASN A 238 -16.50 15.43 -6.60
C ASN A 238 -16.40 15.31 -5.09
N ILE A 239 -17.31 15.98 -4.39
CA ILE A 239 -17.32 16.05 -2.91
C ILE A 239 -18.77 15.90 -2.46
N GLN A 240 -18.97 15.23 -1.33
CA GLN A 240 -20.31 15.02 -0.76
C GLN A 240 -20.13 14.75 0.73
N HIS A 241 -21.19 15.02 1.50
CA HIS A 241 -21.27 14.61 2.92
C HIS A 241 -22.05 13.30 3.00
N SER A 242 -21.52 12.36 3.78
CA SER A 242 -22.08 11.00 3.98
C SER A 242 -22.67 10.87 5.39
N LYS A 243 -23.98 10.64 5.48
CA LYS A 243 -24.64 10.39 6.79
C LYS A 243 -24.19 9.01 7.31
N LYS A 244 -24.00 8.02 6.43
CA LYS A 244 -23.56 6.65 6.82
C LYS A 244 -22.16 6.69 7.44
N LEU A 245 -21.23 7.45 6.85
CA LEU A 245 -19.82 7.51 7.33
C LEU A 245 -19.62 8.70 8.28
N SER A 246 -20.62 9.57 8.45
CA SER A 246 -20.50 10.84 9.23
C SER A 246 -19.24 11.58 8.80
N SER A 247 -19.01 11.72 7.49
CA SER A 247 -17.77 12.28 6.93
C SER A 247 -18.04 13.04 5.64
N TRP A 248 -17.21 14.05 5.37
CA TRP A 248 -17.01 14.59 4.00
C TRP A 248 -16.21 13.58 3.17
N VAL A 249 -16.63 13.35 1.94
CA VAL A 249 -15.97 12.38 1.02
C VAL A 249 -15.58 13.11 -0.25
N LEU A 250 -14.28 13.24 -0.48
CA LEU A 250 -13.71 13.96 -1.65
C LEU A 250 -12.96 12.98 -2.53
N LEU A 251 -13.27 12.95 -3.83
CA LEU A 251 -12.51 12.16 -4.83
C LEU A 251 -11.73 13.10 -5.74
N MET A 252 -10.41 12.90 -5.81
CA MET A 252 -9.57 13.69 -6.75
C MET A 252 -8.75 12.73 -7.64
N LYS A 253 -8.50 13.17 -8.87
CA LYS A 253 -7.77 12.39 -9.89
C LYS A 253 -6.31 12.85 -9.99
N TYR A 254 -5.41 11.87 -10.10
CA TYR A 254 -3.95 12.05 -10.18
C TYR A 254 -3.43 11.41 -11.47
N LEU A 255 -2.31 11.91 -11.98
CA LEU A 255 -1.60 11.26 -13.12
C LEU A 255 -1.27 9.82 -12.75
N GLY A 256 -1.15 8.94 -13.76
CA GLY A 256 -0.96 7.50 -13.58
C GLY A 256 -2.27 6.77 -13.32
N ASN A 257 -3.39 7.36 -13.75
CA ASN A 257 -4.74 6.72 -13.74
C ASN A 257 -5.13 6.36 -12.30
N ALA A 258 -4.88 7.27 -11.35
CA ALA A 258 -5.13 7.05 -9.92
C ALA A 258 -6.19 8.04 -9.42
N THR A 259 -7.13 7.52 -8.63
CA THR A 259 -8.16 8.33 -7.91
C THR A 259 -7.96 8.16 -6.40
N ALA A 260 -7.78 9.27 -5.69
CA ALA A 260 -7.73 9.30 -4.22
C ALA A 260 -9.14 9.58 -3.70
N ILE A 261 -9.58 8.80 -2.72
CA ILE A 261 -10.79 9.11 -1.92
C ILE A 261 -10.33 9.53 -0.52
N PHE A 262 -10.65 10.77 -0.16
CA PHE A 262 -10.35 11.35 1.17
C PHE A 262 -11.64 11.38 2.00
N PHE A 263 -11.57 10.83 3.21
CA PHE A 263 -12.69 10.79 4.18
C PHE A 263 -12.32 11.69 5.34
N LEU A 264 -13.01 12.82 5.47
CA LEU A 264 -12.81 13.76 6.60
C LEU A 264 -13.94 13.57 7.60
N PRO A 265 -13.71 12.90 8.76
CA PRO A 265 -14.78 12.60 9.69
C PRO A 265 -15.28 13.84 10.44
N ASP A 266 -16.59 13.88 10.71
CA ASP A 266 -17.21 14.89 11.60
C ASP A 266 -16.49 14.82 12.95
N GLU A 267 -16.50 15.91 13.72
CA GLU A 267 -15.95 15.95 15.10
C GLU A 267 -16.32 14.64 15.80
N GLY A 268 -15.33 13.89 16.32
CA GLY A 268 -15.50 12.70 17.16
C GLY A 268 -16.03 11.48 16.43
N LYS A 269 -15.95 11.44 15.08
CA LYS A 269 -16.56 10.32 14.31
C LYS A 269 -15.49 9.51 13.57
N LEU A 270 -14.20 9.72 13.84
CA LEU A 270 -13.15 9.03 13.04
C LEU A 270 -13.29 7.50 13.20
N GLN A 271 -13.49 7.02 14.44
CA GLN A 271 -13.60 5.57 14.73
C GLN A 271 -14.84 5.01 14.03
N HIS A 272 -15.94 5.76 14.05
CA HIS A 272 -17.20 5.41 13.36
C HIS A 272 -16.93 5.25 11.85
N LEU A 273 -16.28 6.24 11.25
CA LEU A 273 -15.88 6.21 9.82
C LEU A 273 -15.08 4.92 9.54
N GLU A 274 -14.08 4.63 10.37
CA GLU A 274 -13.19 3.44 10.17
C GLU A 274 -14.04 2.17 10.23
N ASN A 275 -15.01 2.13 11.15
CA ASN A 275 -15.85 0.95 11.42
C ASN A 275 -16.85 0.72 10.28
N GLU A 276 -17.31 1.78 9.63
CA GLU A 276 -18.46 1.72 8.69
C GLU A 276 -17.97 1.58 7.23
N LEU A 277 -16.68 1.78 6.93
CA LEU A 277 -16.16 1.62 5.54
C LEU A 277 -16.38 0.18 5.05
N THR A 278 -16.84 0.03 3.81
CA THR A 278 -17.00 -1.25 3.10
C THR A 278 -16.61 -1.06 1.63
N HIS A 279 -16.24 -2.14 0.96
CA HIS A 279 -15.89 -2.16 -0.49
C HIS A 279 -17.08 -1.66 -1.30
N ASP A 280 -18.30 -2.08 -0.92
CA ASP A 280 -19.54 -1.69 -1.64
C ASP A 280 -19.70 -0.18 -1.58
N ILE A 281 -19.51 0.43 -0.41
CA ILE A 281 -19.62 1.91 -0.20
C ILE A 281 -18.58 2.61 -1.08
N ILE A 282 -17.35 2.11 -1.10
CA ILE A 282 -16.25 2.74 -1.89
C ILE A 282 -16.57 2.63 -3.38
N THR A 283 -17.10 1.49 -3.84
CA THR A 283 -17.50 1.29 -5.25
C THR A 283 -18.53 2.37 -5.63
N LYS A 284 -19.50 2.63 -4.76
CA LYS A 284 -20.59 3.60 -5.03
C LYS A 284 -19.98 5.00 -5.18
N PHE A 285 -19.03 5.40 -4.33
CA PHE A 285 -18.35 6.71 -4.45
C PHE A 285 -17.59 6.79 -5.79
N LEU A 286 -16.89 5.73 -6.19
CA LEU A 286 -16.06 5.72 -7.42
C LEU A 286 -16.94 5.86 -8.66
N GLU A 287 -18.18 5.35 -8.59
CA GLU A 287 -19.13 5.35 -9.74
C GLU A 287 -19.76 6.73 -9.90
N ASN A 288 -19.87 7.50 -8.81
CA ASN A 288 -20.51 8.84 -8.81
C ASN A 288 -19.57 9.84 -9.50
N GLU A 289 -20.10 10.58 -10.48
CA GLU A 289 -19.34 11.63 -11.23
C GLU A 289 -19.94 13.01 -10.94
N ASP A 290 -21.00 13.11 -10.14
CA ASP A 290 -21.65 14.41 -9.82
C ASP A 290 -20.66 15.30 -9.06
N ARG A 291 -20.69 16.60 -9.33
CA ARG A 291 -19.82 17.61 -8.67
C ARG A 291 -20.70 18.71 -8.06
N ARG A 292 -20.15 19.44 -7.10
CA ARG A 292 -20.76 20.69 -6.56
C ARG A 292 -19.66 21.73 -6.36
N SER A 293 -20.06 22.99 -6.30
CA SER A 293 -19.18 24.12 -5.93
C SER A 293 -18.68 23.86 -4.51
N ALA A 294 -17.38 24.00 -4.27
CA ALA A 294 -16.80 23.90 -2.91
C ALA A 294 -15.51 24.72 -2.82
N SER A 295 -15.27 25.32 -1.65
N SER A 295 -15.24 25.29 -1.65
CA SER A 295 -13.99 25.96 -1.25
CA SER A 295 -13.96 25.97 -1.30
C SER A 295 -13.20 24.94 -0.43
C SER A 295 -13.15 25.04 -0.41
N LEU A 296 -12.09 24.45 -0.97
CA LEU A 296 -11.28 23.41 -0.30
C LEU A 296 -9.96 24.00 0.19
N HIS A 297 -9.54 23.58 1.38
CA HIS A 297 -8.16 23.76 1.91
C HIS A 297 -7.51 22.39 1.93
N LEU A 298 -6.56 22.15 1.02
CA LEU A 298 -5.97 20.81 0.77
C LEU A 298 -4.49 20.85 1.14
N PRO A 299 -4.06 20.09 2.16
CA PRO A 299 -2.66 20.07 2.56
C PRO A 299 -1.76 19.33 1.56
N LYS A 300 -0.61 19.92 1.24
CA LYS A 300 0.36 19.34 0.28
C LYS A 300 1.27 18.41 1.06
N LEU A 301 0.83 17.16 1.28
CA LEU A 301 1.50 16.22 2.22
C LEU A 301 2.17 15.08 1.44
N SER A 302 3.45 14.88 1.70
CA SER A 302 4.21 13.67 1.36
C SER A 302 4.17 12.77 2.58
N ILE A 303 3.98 11.46 2.38
CA ILE A 303 3.81 10.50 3.51
C ILE A 303 4.60 9.23 3.20
N THR A 304 5.05 8.55 4.24
CA THR A 304 5.74 7.24 4.10
C THR A 304 5.20 6.31 5.18
N GLY A 305 5.25 5.02 4.88
CA GLY A 305 4.95 3.94 5.83
C GLY A 305 5.99 2.85 5.68
N THR A 306 6.54 2.39 6.81
CA THR A 306 7.50 1.25 6.87
C THR A 306 6.92 0.20 7.82
N TYR A 307 6.86 -1.05 7.38
CA TYR A 307 6.23 -2.15 8.15
C TYR A 307 7.12 -3.39 8.12
N ASP A 308 7.25 -4.00 9.31
CA ASP A 308 7.76 -5.38 9.50
C ASP A 308 6.63 -6.32 9.17
N LEU A 309 6.65 -6.90 7.96
CA LEU A 309 5.56 -7.76 7.46
C LEU A 309 5.51 -9.06 8.26
N LYS A 310 6.62 -9.54 8.81
CA LYS A 310 6.56 -10.76 9.67
C LYS A 310 5.63 -10.47 10.85
N SER A 311 5.77 -9.30 11.48
CA SER A 311 4.93 -8.87 12.61
C SER A 311 3.46 -8.68 12.18
N VAL A 312 3.22 -7.82 11.20
CA VAL A 312 1.82 -7.41 10.86
C VAL A 312 1.08 -8.59 10.20
N LEU A 313 1.69 -9.28 9.24
CA LEU A 313 1.03 -10.42 8.54
C LEU A 313 0.88 -11.60 9.49
N GLY A 314 1.76 -11.74 10.48
CA GLY A 314 1.62 -12.75 11.55
C GLY A 314 0.26 -12.62 12.22
N GLN A 315 -0.12 -11.39 12.55
N GLN A 315 -0.12 -11.40 12.56
CA GLN A 315 -1.41 -11.07 13.24
CA GLN A 315 -1.41 -11.08 13.25
C GLN A 315 -2.60 -11.40 12.33
C GLN A 315 -2.59 -11.42 12.33
N LEU A 316 -2.40 -11.42 11.00
CA LEU A 316 -3.44 -11.83 10.01
C LEU A 316 -3.40 -13.34 9.74
N GLY A 317 -2.52 -14.10 10.40
CA GLY A 317 -2.50 -15.58 10.32
C GLY A 317 -1.43 -16.13 9.38
N ILE A 318 -0.55 -15.29 8.82
CA ILE A 318 0.58 -15.76 7.97
C ILE A 318 1.80 -15.92 8.89
N THR A 319 2.07 -17.14 9.35
CA THR A 319 3.13 -17.41 10.37
C THR A 319 4.08 -18.53 9.93
N LYS A 320 3.58 -19.58 9.24
CA LYS A 320 4.36 -20.81 8.94
C LYS A 320 5.55 -20.48 8.03
N VAL A 321 5.37 -19.63 7.02
CA VAL A 321 6.46 -19.27 6.05
C VAL A 321 7.62 -18.59 6.78
N PHE A 322 7.38 -17.96 7.95
CA PHE A 322 8.41 -17.28 8.78
C PHE A 322 8.93 -18.20 9.90
N SER A 323 8.45 -19.45 10.00
CA SER A 323 8.80 -20.41 11.09
C SER A 323 9.75 -21.49 10.57
N ASN A 324 10.47 -22.17 11.47
CA ASN A 324 11.33 -23.34 11.11
C ASN A 324 10.53 -24.39 10.35
N GLY A 325 9.21 -24.49 10.59
CA GLY A 325 8.34 -25.47 9.90
C GLY A 325 8.13 -25.17 8.42
N ALA A 326 8.57 -24.00 7.92
CA ALA A 326 8.17 -23.46 6.60
C ALA A 326 8.43 -24.48 5.49
N ASP A 327 7.41 -24.75 4.68
CA ASP A 327 7.57 -25.54 3.43
C ASP A 327 7.84 -24.58 2.28
N LEU A 328 9.13 -24.32 2.02
CA LEU A 328 9.63 -23.50 0.88
C LEU A 328 10.37 -24.42 -0.09
N SER A 329 9.89 -25.66 -0.24
CA SER A 329 10.49 -26.70 -1.11
C SER A 329 10.40 -26.29 -2.59
N GLY A 330 9.53 -25.32 -2.92
CA GLY A 330 9.47 -24.72 -4.27
C GLY A 330 10.63 -23.78 -4.56
N VAL A 331 11.32 -23.28 -3.53
CA VAL A 331 12.46 -22.33 -3.63
C VAL A 331 13.77 -23.13 -3.63
N THR A 332 13.92 -24.02 -2.64
CA THR A 332 15.08 -24.93 -2.51
C THR A 332 14.56 -26.32 -2.09
N GLU A 333 14.99 -27.35 -2.80
CA GLU A 333 14.53 -28.76 -2.63
C GLU A 333 15.29 -29.41 -1.47
N GLU A 334 16.58 -29.12 -1.35
CA GLU A 334 17.55 -29.82 -0.46
C GLU A 334 17.34 -29.37 1.00
N ALA A 335 17.70 -28.11 1.28
CA ALA A 335 17.98 -27.60 2.65
C ALA A 335 16.74 -26.97 3.26
N PRO A 336 16.64 -26.92 4.61
CA PRO A 336 15.57 -26.18 5.27
C PRO A 336 15.65 -24.72 4.85
N LEU A 337 14.52 -24.03 4.88
CA LEU A 337 14.47 -22.60 4.56
C LEU A 337 13.25 -21.99 5.26
N LYS A 338 13.41 -20.76 5.74
CA LYS A 338 12.28 -19.94 6.23
C LYS A 338 12.54 -18.50 5.79
N LEU A 339 11.48 -17.70 5.69
CA LEU A 339 11.63 -16.25 5.42
C LEU A 339 11.98 -15.56 6.74
N SER A 340 13.23 -15.09 6.89
CA SER A 340 13.76 -14.50 8.14
C SER A 340 13.31 -13.03 8.25
N LYS A 341 13.15 -12.33 7.14
CA LYS A 341 12.92 -10.86 7.13
C LYS A 341 11.96 -10.53 6.00
N ALA A 342 10.97 -9.69 6.28
CA ALA A 342 9.99 -9.20 5.28
C ALA A 342 9.63 -7.76 5.64
N VAL A 343 9.98 -6.82 4.76
CA VAL A 343 9.81 -5.36 5.01
C VAL A 343 9.04 -4.75 3.84
N HIS A 344 8.10 -3.87 4.16
CA HIS A 344 7.30 -3.06 3.22
C HIS A 344 7.64 -1.60 3.43
N LYS A 345 7.87 -0.85 2.36
CA LYS A 345 7.94 0.62 2.45
C LYS A 345 7.13 1.23 1.31
N ALA A 346 6.22 2.11 1.70
CA ALA A 346 5.35 2.91 0.79
C ALA A 346 5.75 4.37 0.92
N VAL A 347 5.92 5.04 -0.20
CA VAL A 347 6.30 6.48 -0.26
C VAL A 347 5.37 7.17 -1.25
N LEU A 348 4.75 8.26 -0.81
CA LEU A 348 3.96 9.16 -1.67
C LEU A 348 4.55 10.56 -1.52
N THR A 349 4.93 11.16 -2.63
CA THR A 349 5.42 12.56 -2.70
C THR A 349 4.50 13.34 -3.62
N ILE A 350 4.30 14.63 -3.33
CA ILE A 350 3.61 15.57 -4.25
C ILE A 350 4.67 16.37 -5.01
N ASP A 351 4.61 16.36 -6.36
CA ASP A 351 5.47 17.17 -7.27
C ASP A 351 5.64 18.58 -6.70
N PRO A 367 -21.78 28.65 -9.26
CA PRO A 367 -22.94 29.49 -8.89
C PRO A 367 -22.54 30.59 -7.91
N MET A 368 -23.24 31.74 -7.96
CA MET A 368 -23.02 32.92 -7.10
C MET A 368 -23.81 32.76 -5.79
N SER A 369 -23.51 31.71 -5.03
CA SER A 369 -23.98 31.47 -3.64
C SER A 369 -22.83 30.81 -2.87
N ILE A 370 -22.75 31.03 -1.56
CA ILE A 370 -21.60 30.56 -0.73
C ILE A 370 -21.61 29.03 -0.80
N PRO A 371 -20.55 28.42 -1.36
CA PRO A 371 -20.44 26.97 -1.39
C PRO A 371 -19.94 26.50 -0.03
N PRO A 372 -20.00 25.19 0.28
CA PRO A 372 -19.43 24.69 1.52
C PRO A 372 -17.92 24.97 1.54
N GLU A 373 -17.37 25.25 2.71
CA GLU A 373 -15.91 25.34 2.95
C GLU A 373 -15.48 24.08 3.69
N VAL A 374 -14.57 23.32 3.10
CA VAL A 374 -14.11 22.03 3.68
C VAL A 374 -12.60 22.10 3.80
N LYS A 375 -12.10 22.06 5.04
CA LYS A 375 -10.66 22.13 5.36
C LYS A 375 -10.19 20.75 5.82
N PHE A 376 -9.23 20.16 5.11
CA PHE A 376 -8.53 18.92 5.51
C PHE A 376 -7.39 19.34 6.45
N ASN A 377 -7.77 19.81 7.64
CA ASN A 377 -6.87 20.41 8.66
C ASN A 377 -6.96 19.61 9.95
N LYS A 378 -7.26 18.31 9.85
CA LYS A 378 -7.39 17.39 11.00
C LYS A 378 -7.29 15.98 10.44
N PRO A 379 -7.12 14.94 11.28
CA PRO A 379 -6.94 13.58 10.78
C PRO A 379 -8.02 13.17 9.78
N PHE A 380 -7.59 12.50 8.72
CA PHE A 380 -8.47 12.00 7.64
C PHE A 380 -7.93 10.65 7.17
N VAL A 381 -8.86 9.82 6.70
CA VAL A 381 -8.60 8.48 6.16
C VAL A 381 -8.59 8.61 4.65
N PHE A 382 -7.82 7.77 3.95
CA PHE A 382 -7.78 7.82 2.47
C PHE A 382 -7.57 6.43 1.87
N LEU A 383 -8.00 6.32 0.62
CA LEU A 383 -7.71 5.18 -0.28
C LEU A 383 -7.20 5.81 -1.57
N MET A 384 -6.25 5.17 -2.23
N MET A 384 -6.26 5.14 -2.24
CA MET A 384 -5.91 5.50 -3.63
CA MET A 384 -5.86 5.50 -3.63
C MET A 384 -6.19 4.26 -4.48
C MET A 384 -6.15 4.27 -4.51
N ILE A 385 -7.01 4.45 -5.52
CA ILE A 385 -7.52 3.37 -6.39
C ILE A 385 -6.88 3.53 -7.76
N GLU A 386 -6.48 2.42 -8.39
CA GLU A 386 -6.06 2.40 -9.82
C GLU A 386 -7.34 2.25 -10.65
N GLN A 387 -7.53 3.13 -11.63
CA GLN A 387 -8.86 3.35 -12.28
C GLN A 387 -9.28 2.14 -13.12
N ASN A 388 -8.36 1.48 -13.84
CA ASN A 388 -8.67 0.36 -14.76
C ASN A 388 -9.12 -0.87 -13.95
N THR A 389 -8.34 -1.24 -12.95
CA THR A 389 -8.53 -2.49 -12.14
C THR A 389 -9.45 -2.24 -10.93
N LYS A 390 -9.59 -0.99 -10.48
CA LYS A 390 -10.28 -0.55 -9.23
C LYS A 390 -9.52 -1.07 -8.01
N SER A 391 -8.25 -1.47 -8.18
CA SER A 391 -7.42 -2.09 -7.12
C SER A 391 -6.95 -1.01 -6.16
N PRO A 392 -6.92 -1.30 -4.84
CA PRO A 392 -6.45 -0.34 -3.84
C PRO A 392 -4.92 -0.27 -3.78
N LEU A 393 -4.37 0.71 -4.51
CA LEU A 393 -2.91 0.99 -4.56
C LEU A 393 -2.41 1.37 -3.17
N PHE A 394 -3.15 2.20 -2.45
CA PHE A 394 -2.78 2.65 -1.07
C PHE A 394 -4.02 2.77 -0.20
N MET A 395 -3.81 2.60 1.09
CA MET A 395 -4.82 2.95 2.10
C MET A 395 -4.08 3.48 3.32
N GLY A 396 -4.72 4.36 4.08
CA GLY A 396 -4.05 4.92 5.26
C GLY A 396 -4.82 6.03 5.92
N LYS A 397 -4.12 6.74 6.79
CA LYS A 397 -4.69 7.78 7.67
C LYS A 397 -3.56 8.76 8.00
N VAL A 398 -3.82 10.03 7.78
CA VAL A 398 -2.93 11.11 8.25
C VAL A 398 -3.45 11.55 9.61
N VAL A 399 -2.69 11.36 10.69
CA VAL A 399 -3.07 11.93 12.02
C VAL A 399 -2.09 13.05 12.37
N ASN A 400 -0.77 12.84 12.22
CA ASN A 400 0.25 13.90 12.41
C ASN A 400 1.08 14.05 11.13
N PRO A 401 0.89 15.15 10.36
CA PRO A 401 1.62 15.33 9.10
C PRO A 401 3.16 15.37 9.21
N THR A 402 3.68 15.76 10.38
CA THR A 402 5.14 15.92 10.64
C THR A 402 5.73 14.63 11.21
N GLN A 403 4.89 13.74 11.76
CA GLN A 403 5.31 12.45 12.37
C GLN A 403 5.55 11.43 11.26
#